data_4RI1
#
_entry.id   4RI1
#
_cell.length_a   107.830
_cell.length_b   145.620
_cell.length_c   166.190
_cell.angle_alpha   90.00
_cell.angle_beta   90.00
_cell.angle_gamma   90.00
#
_symmetry.space_group_name_H-M   'I 21 21 21'
#
loop_
_entity.id
_entity.type
_entity.pdbx_description
1 polymer 'UDP-4-amino-4,6-dideoxy-N-acetyl-beta-L-altrosamine N-acetyltransferase'
2 non-polymer 'ACETYL COENZYME *A'
3 non-polymer 'ACETATE ION'
4 water water
#
_entity_poly.entity_id   1
_entity_poly.type   'polypeptide(L)'
_entity_poly.pdbx_seq_one_letter_code
;GIDPFTMKKNYSYKNIQAIDFTNLNDGEKLLVLEFRNHPNTALWMYSTFISLKTHLQFIEDLKNSPNHRYFLFKEEGVYL
GVGSITKINFFHKHGYLGIYKNPFLKNGGETILKALEFIAFEEFQLHSLHLEVMENNFKAIAFYEKNHYELEGRLKGFIS
KDKEFIDVLLYYKDKKGYNDQSLLKL
;
_entity_poly.pdbx_strand_id   A,B,C
#
loop_
_chem_comp.id
_chem_comp.type
_chem_comp.name
_chem_comp.formula
ACO non-polymer 'ACETYL COENZYME *A' 'C23 H38 N7 O17 P3 S'
ACT non-polymer 'ACETATE ION' 'C2 H3 O2 -1'
#
# COMPACT_ATOMS: atom_id res chain seq x y z
N LYS A 8 -12.99 -22.68 -35.19
CA LYS A 8 -13.62 -23.52 -34.18
C LYS A 8 -12.68 -24.65 -33.77
N LYS A 9 -11.51 -24.25 -33.30
CA LYS A 9 -10.47 -25.16 -32.89
C LYS A 9 -10.03 -24.89 -31.44
N ASN A 10 -9.31 -25.85 -30.87
CA ASN A 10 -8.77 -25.73 -29.53
C ASN A 10 -7.41 -25.04 -29.57
N TYR A 11 -6.90 -24.68 -28.40
CA TYR A 11 -5.60 -24.06 -28.35
C TYR A 11 -4.79 -24.60 -27.19
N SER A 12 -3.48 -24.44 -27.31
CA SER A 12 -2.59 -24.88 -26.27
C SER A 12 -1.70 -23.73 -25.84
N TYR A 13 -1.50 -23.60 -24.55
CA TYR A 13 -0.57 -22.63 -24.00
C TYR A 13 0.12 -23.28 -22.81
N LYS A 14 1.43 -23.40 -22.86
CA LYS A 14 2.17 -24.21 -21.90
C LYS A 14 1.49 -25.57 -21.79
N ASN A 15 1.29 -26.05 -20.57
N ASN A 15 1.29 -26.07 -20.57
CA ASN A 15 0.59 -27.32 -20.36
CA ASN A 15 0.58 -27.33 -20.40
C ASN A 15 -0.90 -27.08 -20.10
C ASN A 15 -0.91 -27.10 -20.14
N ILE A 16 -1.44 -26.02 -20.69
CA ILE A 16 -2.83 -25.68 -20.52
C ILE A 16 -3.58 -25.85 -21.82
N GLN A 17 -4.73 -26.51 -21.75
CA GLN A 17 -5.56 -26.69 -22.93
C GLN A 17 -6.77 -25.76 -22.89
N ALA A 18 -7.06 -25.14 -24.01
CA ALA A 18 -8.26 -24.32 -24.12
C ALA A 18 -9.20 -25.05 -25.05
N ILE A 19 -10.27 -25.61 -24.48
CA ILE A 19 -11.20 -26.41 -25.27
C ILE A 19 -12.36 -25.55 -25.73
N ASP A 20 -12.46 -25.33 -27.04
CA ASP A 20 -13.56 -24.55 -27.57
C ASP A 20 -14.89 -25.15 -27.13
N PHE A 21 -15.86 -24.30 -26.81
CA PHE A 21 -17.16 -24.78 -26.36
C PHE A 21 -17.79 -25.72 -27.38
N THR A 22 -17.50 -25.53 -28.66
CA THR A 22 -18.10 -26.37 -29.70
C THR A 22 -17.46 -27.76 -29.74
N ASN A 23 -16.41 -27.98 -28.96
CA ASN A 23 -15.77 -29.29 -28.88
C ASN A 23 -15.92 -29.94 -27.51
N LEU A 24 -16.83 -29.43 -26.70
CA LEU A 24 -17.05 -30.00 -25.38
C LEU A 24 -17.73 -31.38 -25.48
N ASN A 25 -17.21 -32.37 -24.76
CA ASN A 25 -17.95 -33.63 -24.60
C ASN A 25 -19.14 -33.37 -23.67
N ASP A 26 -20.08 -34.30 -23.62
CA ASP A 26 -21.32 -34.06 -22.88
C ASP A 26 -21.15 -33.83 -21.36
N GLY A 27 -20.16 -34.47 -20.75
CA GLY A 27 -19.86 -34.21 -19.35
C GLY A 27 -19.41 -32.74 -19.22
N GLU A 28 -18.48 -32.33 -20.07
CA GLU A 28 -17.93 -30.98 -20.07
C GLU A 28 -19.00 -29.92 -20.27
N LYS A 29 -20.00 -30.20 -21.11
CA LYS A 29 -21.13 -29.27 -21.27
C LYS A 29 -21.85 -29.02 -19.95
N LEU A 30 -22.06 -30.09 -19.17
CA LEU A 30 -22.73 -29.94 -17.88
C LEU A 30 -21.82 -29.32 -16.81
N LEU A 31 -20.52 -29.59 -16.90
CA LEU A 31 -19.58 -28.99 -15.97
C LEU A 31 -19.54 -27.47 -16.15
N VAL A 32 -19.44 -27.01 -17.39
CA VAL A 32 -19.49 -25.58 -17.67
C VAL A 32 -20.74 -24.96 -17.06
N LEU A 33 -21.88 -25.61 -17.27
CA LEU A 33 -23.15 -25.14 -16.73
C LEU A 33 -23.15 -25.08 -15.21
N GLU A 34 -22.51 -26.07 -14.59
CA GLU A 34 -22.38 -26.06 -13.14
C GLU A 34 -21.52 -24.86 -12.70
N PHE A 35 -20.39 -24.67 -13.37
CA PHE A 35 -19.51 -23.54 -13.09
C PHE A 35 -20.29 -22.24 -13.23
N ARG A 36 -21.11 -22.16 -14.27
CA ARG A 36 -21.76 -20.92 -14.64
C ARG A 36 -22.91 -20.57 -13.69
N ASN A 37 -23.63 -21.57 -13.21
CA ASN A 37 -24.82 -21.31 -12.40
C ASN A 37 -24.53 -21.25 -10.89
N HIS A 38 -23.35 -21.72 -10.49
CA HIS A 38 -22.90 -21.55 -9.11
C HIS A 38 -23.04 -20.09 -8.64
N PRO A 39 -23.53 -19.88 -7.41
CA PRO A 39 -23.71 -18.54 -6.84
C PRO A 39 -22.45 -17.70 -6.94
N ASN A 40 -21.28 -18.30 -6.68
CA ASN A 40 -20.02 -17.59 -6.80
C ASN A 40 -19.72 -17.05 -8.20
N THR A 41 -20.34 -17.63 -9.22
CA THR A 41 -20.14 -17.13 -10.58
C THR A 41 -21.27 -16.18 -10.94
N ALA A 42 -22.48 -16.67 -10.70
CA ALA A 42 -23.72 -16.08 -11.19
C ALA A 42 -23.95 -14.69 -10.68
N LEU A 43 -23.54 -14.48 -9.42
CA LEU A 43 -23.70 -13.20 -8.75
C LEU A 43 -23.02 -12.08 -9.54
N TRP A 44 -21.97 -12.42 -10.29
CA TRP A 44 -21.21 -11.43 -11.02
C TRP A 44 -21.49 -11.43 -12.54
N MET A 45 -22.50 -12.19 -12.96
CA MET A 45 -22.86 -12.25 -14.39
C MET A 45 -24.06 -11.36 -14.71
N TYR A 46 -24.18 -10.96 -15.97
CA TYR A 46 -25.35 -10.20 -16.41
C TYR A 46 -26.66 -11.00 -16.25
N SER A 47 -26.63 -12.30 -16.48
CA SER A 47 -27.80 -13.11 -16.16
C SER A 47 -27.47 -14.15 -15.09
N THR A 48 -28.36 -14.28 -14.12
CA THR A 48 -28.15 -15.13 -12.95
C THR A 48 -28.20 -16.64 -13.21
N PHE A 49 -29.16 -17.07 -14.01
CA PHE A 49 -29.35 -18.50 -14.18
C PHE A 49 -29.60 -18.88 -15.64
N ILE A 50 -28.87 -19.90 -16.10
CA ILE A 50 -28.98 -20.41 -17.45
C ILE A 50 -29.58 -21.81 -17.41
N SER A 51 -30.74 -22.02 -18.03
CA SER A 51 -31.33 -23.36 -18.14
C SER A 51 -30.49 -24.25 -19.06
N LEU A 52 -30.63 -25.57 -18.92
CA LEU A 52 -29.88 -26.47 -19.79
C LEU A 52 -30.25 -26.22 -21.25
N LYS A 53 -31.53 -25.97 -21.50
CA LYS A 53 -31.99 -25.72 -22.86
C LYS A 53 -31.28 -24.51 -23.47
N THR A 54 -31.29 -23.39 -22.74
CA THR A 54 -30.59 -22.19 -23.17
C THR A 54 -29.11 -22.46 -23.43
N HIS A 55 -28.47 -23.13 -22.48
CA HIS A 55 -27.06 -23.52 -22.58
C HIS A 55 -26.75 -24.31 -23.85
N LEU A 56 -27.57 -25.32 -24.14
CA LEU A 56 -27.28 -26.18 -25.28
C LEU A 56 -27.47 -25.41 -26.57
N GLN A 57 -28.47 -24.54 -26.59
CA GLN A 57 -28.72 -23.71 -27.76
C GLN A 57 -27.56 -22.73 -27.97
N PHE A 58 -27.10 -22.12 -26.87
CA PHE A 58 -25.98 -21.20 -26.90
C PHE A 58 -24.75 -21.86 -27.54
N ILE A 59 -24.43 -23.06 -27.09
CA ILE A 59 -23.31 -23.80 -27.66
C ILE A 59 -23.52 -24.09 -29.15
N GLU A 60 -24.74 -24.47 -29.52
CA GLU A 60 -25.06 -24.69 -30.94
C GLU A 60 -24.82 -23.41 -31.76
N ASP A 61 -25.36 -22.30 -31.28
CA ASP A 61 -25.18 -21.01 -31.96
C ASP A 61 -23.71 -20.58 -32.11
N LEU A 62 -22.87 -21.00 -31.16
CA LEU A 62 -21.44 -20.67 -31.23
C LEU A 62 -20.78 -21.28 -32.47
N LYS A 63 -21.37 -22.35 -32.99
CA LYS A 63 -20.79 -23.02 -34.16
C LYS A 63 -20.82 -22.09 -35.38
N ASN A 64 -21.77 -21.17 -35.40
CA ASN A 64 -21.84 -20.21 -36.49
C ASN A 64 -21.53 -18.78 -36.05
N SER A 65 -20.82 -18.65 -34.93
CA SER A 65 -20.47 -17.35 -34.35
C SER A 65 -18.98 -17.23 -34.15
N PRO A 66 -18.25 -16.98 -35.24
CA PRO A 66 -16.78 -16.92 -35.13
C PRO A 66 -16.31 -15.69 -34.34
N ASN A 67 -17.17 -14.71 -34.12
CA ASN A 67 -16.79 -13.51 -33.38
C ASN A 67 -16.92 -13.69 -31.86
N HIS A 68 -17.38 -14.86 -31.45
CA HIS A 68 -17.54 -15.19 -30.03
C HIS A 68 -16.87 -16.51 -29.74
N ARG A 69 -15.84 -16.48 -28.92
CA ARG A 69 -15.10 -17.69 -28.61
C ARG A 69 -15.07 -17.97 -27.12
N TYR A 70 -15.62 -19.13 -26.77
CA TYR A 70 -15.63 -19.62 -25.39
C TYR A 70 -14.78 -20.86 -25.24
N PHE A 71 -14.01 -20.89 -24.16
CA PHE A 71 -13.09 -21.99 -23.90
C PHE A 71 -13.24 -22.51 -22.48
N LEU A 72 -13.18 -23.83 -22.35
CA LEU A 72 -13.03 -24.47 -21.05
C LEU A 72 -11.56 -24.78 -20.90
N PHE A 73 -10.96 -24.34 -19.80
CA PHE A 73 -9.52 -24.54 -19.61
C PHE A 73 -9.23 -25.70 -18.69
N LYS A 74 -8.29 -26.53 -19.13
CA LYS A 74 -7.94 -27.74 -18.42
C LYS A 74 -6.43 -27.84 -18.31
N GLU A 75 -5.96 -28.35 -17.17
CA GLU A 75 -4.54 -28.48 -16.91
C GLU A 75 -4.28 -29.68 -16.05
N GLU A 76 -3.53 -30.64 -16.59
CA GLU A 76 -3.20 -31.88 -15.88
C GLU A 76 -4.40 -32.46 -15.14
N GLY A 77 -5.50 -32.64 -15.87
CA GLY A 77 -6.69 -33.27 -15.34
C GLY A 77 -7.63 -32.37 -14.57
N VAL A 78 -7.18 -31.15 -14.23
CA VAL A 78 -8.02 -30.20 -13.51
C VAL A 78 -8.70 -29.19 -14.43
N TYR A 79 -10.02 -29.08 -14.32
CA TYR A 79 -10.75 -28.08 -15.07
C TYR A 79 -10.66 -26.74 -14.31
N LEU A 80 -10.03 -25.75 -14.94
CA LEU A 80 -9.68 -24.51 -14.24
C LEU A 80 -10.80 -23.48 -14.25
N GLY A 81 -11.64 -23.55 -15.27
CA GLY A 81 -12.74 -22.62 -15.38
C GLY A 81 -12.91 -22.20 -16.83
N VAL A 82 -13.61 -21.10 -17.05
CA VAL A 82 -13.98 -20.67 -18.40
C VAL A 82 -13.42 -19.29 -18.73
N GLY A 83 -12.98 -19.12 -19.98
CA GLY A 83 -12.56 -17.82 -20.48
C GLY A 83 -13.17 -17.57 -21.85
N SER A 84 -13.47 -16.31 -22.15
CA SER A 84 -14.04 -15.98 -23.44
C SER A 84 -13.40 -14.74 -24.06
N ILE A 85 -13.37 -14.72 -25.38
CA ILE A 85 -13.00 -13.55 -26.16
C ILE A 85 -14.19 -13.29 -27.05
N THR A 86 -14.90 -12.19 -26.83
CA THR A 86 -16.13 -11.96 -27.56
C THR A 86 -16.22 -10.59 -28.22
N LYS A 87 -17.30 -10.42 -28.97
CA LYS A 87 -17.48 -9.29 -29.89
C LYS A 87 -16.18 -8.99 -30.63
N ILE A 88 -15.51 -10.05 -31.08
CA ILE A 88 -14.32 -9.91 -31.89
C ILE A 88 -14.63 -9.20 -33.19
N ASN A 89 -13.74 -8.30 -33.58
CA ASN A 89 -13.79 -7.68 -34.90
C ASN A 89 -12.41 -7.70 -35.49
N PHE A 90 -12.28 -8.33 -36.64
CA PHE A 90 -10.96 -8.61 -37.18
C PHE A 90 -10.37 -7.50 -38.02
N PHE A 91 -11.20 -6.63 -38.56
CA PHE A 91 -10.66 -5.43 -39.16
C PHE A 91 -10.17 -4.47 -38.07
N HIS A 92 -10.99 -4.21 -37.07
CA HIS A 92 -10.61 -3.25 -36.03
C HIS A 92 -9.73 -3.88 -34.96
N LYS A 93 -9.65 -5.22 -34.98
CA LYS A 93 -8.74 -5.95 -34.10
C LYS A 93 -9.01 -5.72 -32.61
N HIS A 94 -10.29 -5.73 -32.23
CA HIS A 94 -10.62 -5.65 -30.81
C HIS A 94 -11.49 -6.81 -30.39
N GLY A 95 -11.57 -7.00 -29.08
CA GLY A 95 -12.37 -8.04 -28.48
C GLY A 95 -12.58 -7.77 -27.00
N TYR A 96 -13.53 -8.47 -26.40
CA TYR A 96 -13.79 -8.38 -24.97
C TYR A 96 -13.42 -9.68 -24.27
N LEU A 97 -12.85 -9.55 -23.09
CA LEU A 97 -12.44 -10.72 -22.35
C LEU A 97 -13.39 -11.00 -21.18
N GLY A 98 -13.56 -12.27 -20.86
CA GLY A 98 -14.40 -12.67 -19.74
C GLY A 98 -13.82 -13.93 -19.14
N ILE A 99 -13.95 -14.07 -17.82
CA ILE A 99 -13.42 -15.21 -17.09
C ILE A 99 -14.31 -15.55 -15.91
N TYR A 100 -14.58 -16.84 -15.70
CA TYR A 100 -14.94 -17.30 -14.37
C TYR A 100 -14.23 -18.59 -14.07
N LYS A 101 -13.62 -18.67 -12.90
CA LYS A 101 -12.88 -19.84 -12.50
C LYS A 101 -13.81 -20.92 -11.98
N ASN A 102 -13.30 -22.15 -11.97
CA ASN A 102 -13.93 -23.25 -11.25
C ASN A 102 -14.23 -22.79 -9.82
N PRO A 103 -15.52 -22.67 -9.50
CA PRO A 103 -15.91 -22.11 -8.20
C PRO A 103 -15.54 -23.03 -7.03
N PHE A 104 -15.10 -24.25 -7.33
CA PHE A 104 -14.72 -25.16 -6.27
C PHE A 104 -13.23 -25.08 -5.98
N LEU A 105 -12.51 -24.29 -6.77
CA LEU A 105 -11.08 -24.12 -6.58
C LEU A 105 -10.74 -22.72 -6.06
N LYS A 106 -9.61 -22.63 -5.35
CA LYS A 106 -9.27 -21.42 -4.64
C LYS A 106 -8.68 -20.38 -5.60
N ASN A 107 -7.94 -20.84 -6.60
CA ASN A 107 -7.36 -19.94 -7.60
C ASN A 107 -7.66 -20.46 -9.01
N GLY A 108 -6.77 -20.18 -9.96
CA GLY A 108 -7.02 -20.58 -11.33
C GLY A 108 -7.27 -19.44 -12.32
N GLY A 109 -7.80 -18.32 -11.83
CA GLY A 109 -8.05 -17.16 -12.68
C GLY A 109 -6.82 -16.68 -13.44
N GLU A 110 -5.69 -16.66 -12.75
CA GLU A 110 -4.47 -16.12 -13.32
C GLU A 110 -4.03 -16.94 -14.51
N THR A 111 -4.14 -18.26 -14.36
CA THR A 111 -3.75 -19.20 -15.40
C THR A 111 -4.65 -19.09 -16.60
N ILE A 112 -5.95 -19.00 -16.34
CA ILE A 112 -6.88 -18.79 -17.44
C ILE A 112 -6.53 -17.50 -18.17
N LEU A 113 -6.26 -16.43 -17.42
CA LEU A 113 -5.99 -15.14 -18.05
C LEU A 113 -4.79 -15.23 -18.98
N LYS A 114 -3.70 -15.84 -18.51
CA LYS A 114 -2.48 -15.88 -19.30
C LYS A 114 -2.70 -16.61 -20.64
N ALA A 115 -3.30 -17.79 -20.58
CA ALA A 115 -3.64 -18.56 -21.79
C ALA A 115 -4.59 -17.78 -22.68
N LEU A 116 -5.58 -17.15 -22.05
CA LEU A 116 -6.58 -16.40 -22.80
C LEU A 116 -5.93 -15.20 -23.53
N GLU A 117 -4.99 -14.53 -22.89
CA GLU A 117 -4.33 -13.37 -23.50
C GLU A 117 -3.39 -13.83 -24.62
N PHE A 118 -2.80 -15.02 -24.44
CA PHE A 118 -2.01 -15.63 -25.50
C PHE A 118 -2.87 -15.85 -26.74
N ILE A 119 -4.02 -16.46 -26.56
CA ILE A 119 -4.95 -16.63 -27.65
C ILE A 119 -5.32 -15.30 -28.28
N ALA A 120 -5.71 -14.31 -27.47
CA ALA A 120 -6.20 -13.06 -28.01
C ALA A 120 -5.13 -12.29 -28.78
N PHE A 121 -3.95 -12.17 -28.21
CA PHE A 121 -2.92 -11.28 -28.75
C PHE A 121 -1.97 -11.99 -29.72
N GLU A 122 -1.77 -13.29 -29.54
CA GLU A 122 -0.82 -13.98 -30.40
C GLU A 122 -1.50 -14.80 -31.49
N GLU A 123 -2.48 -15.61 -31.11
CA GLU A 123 -3.23 -16.38 -32.08
C GLU A 123 -4.19 -15.51 -32.90
N PHE A 124 -5.00 -14.68 -32.25
CA PHE A 124 -5.94 -13.85 -32.99
C PHE A 124 -5.26 -12.55 -33.45
N GLN A 125 -4.10 -12.25 -32.91
CA GLN A 125 -3.41 -11.00 -33.27
C GLN A 125 -4.28 -9.76 -33.06
N LEU A 126 -5.00 -9.72 -31.95
CA LEU A 126 -5.85 -8.56 -31.68
C LEU A 126 -4.99 -7.40 -31.23
N HIS A 127 -5.48 -6.18 -31.46
CA HIS A 127 -4.78 -5.00 -30.99
C HIS A 127 -5.17 -4.60 -29.56
N SER A 128 -6.45 -4.74 -29.23
CA SER A 128 -6.87 -4.43 -27.87
C SER A 128 -7.94 -5.36 -27.33
N LEU A 129 -7.87 -5.58 -26.03
CA LEU A 129 -8.85 -6.33 -25.25
C LEU A 129 -9.52 -5.40 -24.26
N HIS A 130 -10.83 -5.48 -24.20
CA HIS A 130 -11.60 -4.69 -23.26
C HIS A 130 -12.41 -5.58 -22.29
N LEU A 131 -12.69 -5.02 -21.12
CA LEU A 131 -13.35 -5.67 -20.00
C LEU A 131 -14.57 -4.85 -19.57
N GLU A 132 -15.67 -5.51 -19.28
CA GLU A 132 -16.75 -4.88 -18.53
C GLU A 132 -16.80 -5.55 -17.16
N VAL A 133 -16.67 -4.78 -16.08
CA VAL A 133 -16.78 -5.36 -14.75
C VAL A 133 -17.67 -4.52 -13.84
N MET A 134 -18.59 -5.18 -13.13
CA MET A 134 -19.50 -4.52 -12.22
C MET A 134 -18.71 -3.78 -11.14
N GLU A 135 -19.11 -2.56 -10.82
CA GLU A 135 -18.35 -1.73 -9.91
C GLU A 135 -18.28 -2.30 -8.47
N ASN A 136 -19.17 -3.21 -8.12
CA ASN A 136 -19.13 -3.81 -6.80
C ASN A 136 -18.36 -5.14 -6.79
N ASN A 137 -17.83 -5.53 -7.93
CA ASN A 137 -17.09 -6.79 -8.02
C ASN A 137 -15.60 -6.59 -7.64
N PHE A 138 -15.35 -6.35 -6.34
CA PHE A 138 -14.04 -5.90 -5.89
C PHE A 138 -12.94 -6.91 -6.13
N LYS A 139 -13.27 -8.18 -6.03
CA LYS A 139 -12.28 -9.21 -6.23
C LYS A 139 -11.82 -9.20 -7.70
N ALA A 140 -12.75 -9.07 -8.65
CA ALA A 140 -12.37 -9.04 -10.07
C ALA A 140 -11.60 -7.76 -10.43
N ILE A 141 -12.09 -6.64 -9.94
CA ILE A 141 -11.40 -5.37 -10.13
C ILE A 141 -9.95 -5.45 -9.72
N ALA A 142 -9.70 -5.92 -8.50
CA ALA A 142 -8.32 -5.99 -8.00
C ALA A 142 -7.51 -6.91 -8.91
N PHE A 143 -8.11 -8.05 -9.25
CA PHE A 143 -7.49 -9.03 -10.12
C PHE A 143 -7.01 -8.44 -11.45
N TYR A 144 -7.88 -7.72 -12.14
CA TYR A 144 -7.47 -7.19 -13.43
C TYR A 144 -6.48 -6.02 -13.29
N GLU A 145 -6.67 -5.20 -12.27
CA GLU A 145 -5.74 -4.10 -12.03
C GLU A 145 -4.33 -4.67 -11.78
N LYS A 146 -4.23 -5.73 -11.00
CA LYS A 146 -2.94 -6.38 -10.82
C LYS A 146 -2.36 -6.89 -12.13
N ASN A 147 -3.23 -7.31 -13.06
CA ASN A 147 -2.75 -7.77 -14.35
C ASN A 147 -2.61 -6.67 -15.40
N HIS A 148 -2.40 -5.43 -14.93
CA HIS A 148 -2.05 -4.32 -15.81
C HIS A 148 -3.18 -3.89 -16.74
N TYR A 149 -4.42 -4.27 -16.43
CA TYR A 149 -5.53 -3.67 -17.15
C TYR A 149 -5.76 -2.22 -16.67
N GLU A 150 -6.12 -1.35 -17.59
CA GLU A 150 -6.20 0.08 -17.29
C GLU A 150 -7.62 0.62 -17.46
N LEU A 151 -8.04 1.41 -16.48
CA LEU A 151 -9.38 2.01 -16.48
C LEU A 151 -9.57 2.95 -17.67
N GLU A 152 -10.68 2.81 -18.39
CA GLU A 152 -10.93 3.71 -19.53
C GLU A 152 -12.33 4.36 -19.48
N GLY A 153 -13.11 4.05 -18.46
CA GLY A 153 -14.39 4.71 -18.34
C GLY A 153 -15.42 3.89 -17.60
N ARG A 154 -16.68 4.31 -17.72
CA ARG A 154 -17.79 3.56 -17.16
C ARG A 154 -18.98 3.46 -18.11
N LEU A 155 -19.81 2.44 -17.89
CA LEU A 155 -21.17 2.47 -18.38
C LEU A 155 -22.03 2.78 -17.16
N LYS A 156 -22.48 4.03 -17.06
CA LYS A 156 -23.17 4.50 -15.87
C LYS A 156 -24.56 3.90 -15.74
N GLY A 157 -24.87 3.47 -14.53
CA GLY A 157 -26.17 2.91 -14.20
C GLY A 157 -26.57 1.75 -15.10
N PHE A 158 -25.57 1.06 -15.65
CA PHE A 158 -25.79 0.00 -16.64
C PHE A 158 -26.44 -1.25 -16.04
N ILE A 159 -26.24 -1.47 -14.75
CA ILE A 159 -26.68 -2.72 -14.16
C ILE A 159 -27.71 -2.52 -13.06
N SER A 160 -28.72 -3.36 -13.08
CA SER A 160 -29.71 -3.39 -12.01
C SER A 160 -29.27 -4.38 -10.94
N LYS A 161 -29.10 -3.88 -9.72
CA LYS A 161 -28.69 -4.73 -8.62
C LYS A 161 -29.46 -4.34 -7.40
N ASP A 162 -30.16 -5.30 -6.79
CA ASP A 162 -30.95 -5.05 -5.58
C ASP A 162 -31.83 -3.81 -5.73
N LYS A 163 -32.37 -3.61 -6.93
CA LYS A 163 -33.33 -2.55 -7.20
C LYS A 163 -32.71 -1.16 -7.36
N GLU A 164 -31.39 -1.11 -7.28
N GLU A 164 -31.38 -1.10 -7.29
CA GLU A 164 -30.65 0.11 -7.63
CA GLU A 164 -30.67 0.12 -7.62
C GLU A 164 -29.88 -0.11 -8.92
C GLU A 164 -29.90 -0.10 -8.93
N PHE A 165 -29.58 0.99 -9.62
CA PHE A 165 -28.75 0.90 -10.81
C PHE A 165 -27.33 1.29 -10.45
N ILE A 166 -26.40 0.36 -10.69
CA ILE A 166 -24.99 0.59 -10.43
C ILE A 166 -24.21 0.57 -11.77
N ASP A 167 -22.91 0.87 -11.68
CA ASP A 167 -22.09 1.05 -12.87
C ASP A 167 -21.33 -0.19 -13.28
N VAL A 168 -21.05 -0.26 -14.57
CA VAL A 168 -20.03 -1.15 -15.10
C VAL A 168 -18.74 -0.37 -15.29
N LEU A 169 -17.62 -0.97 -14.90
CA LEU A 169 -16.31 -0.35 -15.10
C LEU A 169 -15.69 -0.91 -16.37
N LEU A 170 -15.04 -0.04 -17.14
CA LEU A 170 -14.38 -0.46 -18.36
C LEU A 170 -12.86 -0.41 -18.21
N TYR A 171 -12.23 -1.52 -18.56
CA TYR A 171 -10.77 -1.67 -18.52
C TYR A 171 -10.26 -2.16 -19.85
N TYR A 172 -8.99 -1.92 -20.16
CA TYR A 172 -8.41 -2.49 -21.37
C TYR A 172 -6.92 -2.76 -21.23
N LYS A 173 -6.43 -3.54 -22.19
CA LYS A 173 -5.01 -3.83 -22.38
C LYS A 173 -4.78 -3.83 -23.89
N ASP A 174 -3.70 -3.23 -24.37
CA ASP A 174 -3.41 -3.38 -25.80
C ASP A 174 -2.19 -4.25 -26.03
N LYS A 175 -1.87 -4.45 -27.30
CA LYS A 175 -0.84 -5.40 -27.69
C LYS A 175 0.53 -4.97 -27.15
N LYS A 176 0.79 -3.66 -27.16
CA LYS A 176 2.04 -3.14 -26.61
C LYS A 176 2.16 -3.45 -25.12
N GLY A 177 1.06 -3.32 -24.39
CA GLY A 177 1.06 -3.67 -22.98
C GLY A 177 1.36 -5.16 -22.80
N TYR A 178 0.69 -5.98 -23.59
CA TYR A 178 0.92 -7.42 -23.57
C TYR A 178 2.40 -7.74 -23.85
N ASN A 179 2.95 -7.14 -24.91
CA ASN A 179 4.37 -7.30 -25.22
C ASN A 179 5.27 -6.91 -24.05
N ASP A 180 5.04 -5.73 -23.45
CA ASP A 180 5.87 -5.28 -22.33
C ASP A 180 5.92 -6.28 -21.18
N GLN A 181 4.81 -6.95 -20.91
CA GLN A 181 4.77 -7.95 -19.84
C GLN A 181 5.70 -9.09 -20.18
N SER A 182 5.68 -9.48 -21.45
CA SER A 182 6.38 -10.68 -21.90
C SER A 182 7.88 -10.45 -22.06
N LEU A 183 8.26 -9.24 -22.46
CA LEU A 183 9.66 -8.86 -22.57
C LEU A 183 10.31 -8.91 -21.19
N LEU A 184 9.53 -8.60 -20.16
CA LEU A 184 10.04 -8.60 -18.78
C LEU A 184 9.59 -9.87 -18.04
N LYS A 185 10.41 -10.91 -18.13
CA LYS A 185 10.12 -12.17 -17.44
C LYS A 185 10.75 -12.18 -16.06
N LYS B 8 10.17 -9.45 -1.79
CA LYS B 8 11.06 -10.32 -2.55
C LYS B 8 10.73 -10.32 -4.06
N LYS B 9 9.54 -9.87 -4.42
CA LYS B 9 9.16 -9.82 -5.84
C LYS B 9 9.62 -8.54 -6.55
N ASN B 10 9.96 -8.68 -7.84
CA ASN B 10 10.14 -7.57 -8.76
C ASN B 10 8.81 -7.23 -9.42
N TYR B 11 8.74 -6.05 -10.04
CA TYR B 11 7.52 -5.62 -10.71
C TYR B 11 7.83 -4.95 -12.05
N SER B 12 6.81 -4.81 -12.88
CA SER B 12 6.99 -4.12 -14.13
C SER B 12 5.86 -3.11 -14.35
N TYR B 13 6.17 -2.09 -15.12
CA TYR B 13 5.21 -1.07 -15.47
C TYR B 13 5.53 -0.63 -16.88
N LYS B 14 4.67 -0.99 -17.82
CA LYS B 14 4.96 -0.82 -19.23
C LYS B 14 6.29 -1.48 -19.48
N ASN B 15 7.24 -0.77 -20.09
CA ASN B 15 8.56 -1.36 -20.33
C ASN B 15 9.60 -0.93 -19.30
N ILE B 16 9.19 -0.86 -18.04
CA ILE B 16 10.08 -0.48 -16.96
C ILE B 16 10.14 -1.56 -15.90
N GLN B 17 11.34 -1.98 -15.53
CA GLN B 17 11.48 -3.00 -14.50
C GLN B 17 11.74 -2.34 -13.15
N ALA B 18 11.02 -2.82 -12.15
CA ALA B 18 11.21 -2.38 -10.80
C ALA B 18 11.95 -3.49 -10.08
N ILE B 19 13.24 -3.28 -9.84
CA ILE B 19 14.04 -4.33 -9.23
C ILE B 19 14.12 -4.10 -7.74
N ASP B 20 13.54 -5.02 -6.97
CA ASP B 20 13.61 -4.95 -5.52
C ASP B 20 15.07 -4.91 -5.07
N PHE B 21 15.37 -4.08 -4.07
CA PHE B 21 16.74 -3.93 -3.60
C PHE B 21 17.35 -5.28 -3.22
N THR B 22 16.52 -6.18 -2.70
CA THR B 22 16.98 -7.47 -2.23
C THR B 22 17.22 -8.45 -3.37
N ASN B 23 17.15 -7.97 -4.62
CA ASN B 23 17.43 -8.77 -5.81
C ASN B 23 18.51 -8.12 -6.68
N LEU B 24 19.10 -7.04 -6.19
CA LEU B 24 20.16 -6.38 -6.92
C LEU B 24 21.39 -7.29 -6.99
N ASN B 25 22.05 -7.32 -8.13
CA ASN B 25 23.40 -7.87 -8.22
C ASN B 25 24.39 -6.85 -7.66
N ASP B 26 25.61 -7.29 -7.37
CA ASP B 26 26.62 -6.43 -6.73
C ASP B 26 26.76 -5.10 -7.50
N GLY B 27 26.82 -5.19 -8.82
CA GLY B 27 26.89 -3.99 -9.63
C GLY B 27 25.78 -3.03 -9.28
N GLU B 28 24.55 -3.54 -9.32
CA GLU B 28 23.36 -2.73 -9.03
C GLU B 28 23.37 -2.12 -7.62
N LYS B 29 23.72 -2.91 -6.61
CA LYS B 29 23.88 -2.39 -5.26
C LYS B 29 24.80 -1.17 -5.23
N LEU B 30 25.87 -1.22 -6.01
CA LEU B 30 26.82 -0.12 -6.02
C LEU B 30 26.24 1.06 -6.77
N LEU B 31 25.55 0.75 -7.86
CA LEU B 31 24.93 1.79 -8.67
C LEU B 31 23.98 2.64 -7.83
N VAL B 32 23.26 1.98 -6.92
CA VAL B 32 22.35 2.66 -6.03
C VAL B 32 23.10 3.60 -5.10
N LEU B 33 24.19 3.09 -4.52
CA LEU B 33 24.99 3.85 -3.56
C LEU B 33 25.56 5.10 -4.23
N GLU B 34 26.01 4.91 -5.45
CA GLU B 34 26.45 6.02 -6.29
C GLU B 34 25.35 7.07 -6.42
N PHE B 35 24.18 6.64 -6.91
CA PHE B 35 23.02 7.52 -7.01
C PHE B 35 22.73 8.22 -5.69
N ARG B 36 22.78 7.43 -4.61
CA ARG B 36 22.34 7.89 -3.30
C ARG B 36 23.31 8.90 -2.66
N ASN B 37 24.61 8.65 -2.76
CA ASN B 37 25.60 9.53 -2.11
C ASN B 37 25.96 10.76 -2.93
N HIS B 38 25.60 10.74 -4.21
CA HIS B 38 25.81 11.91 -5.07
C HIS B 38 25.12 13.14 -4.49
N PRO B 39 25.83 14.28 -4.48
CA PRO B 39 25.37 15.53 -3.87
C PRO B 39 23.94 15.91 -4.24
N ASN B 40 23.58 15.78 -5.52
CA ASN B 40 22.24 16.17 -5.96
C ASN B 40 21.13 15.38 -5.27
N THR B 41 21.44 14.16 -4.86
CA THR B 41 20.52 13.36 -4.06
C THR B 41 20.67 13.66 -2.58
N ALA B 42 21.89 13.51 -2.09
CA ALA B 42 22.17 13.50 -0.66
C ALA B 42 21.81 14.79 0.05
N LEU B 43 21.83 15.90 -0.69
CA LEU B 43 21.43 17.19 -0.13
C LEU B 43 20.04 17.14 0.50
N TRP B 44 19.14 16.42 -0.17
CA TRP B 44 17.74 16.45 0.20
C TRP B 44 17.34 15.31 1.13
N MET B 45 18.28 14.41 1.41
CA MET B 45 18.03 13.29 2.30
C MET B 45 18.24 13.68 3.76
N TYR B 46 17.52 13.00 4.65
CA TYR B 46 17.65 13.22 6.09
C TYR B 46 19.04 12.84 6.60
N SER B 47 19.80 12.16 5.75
CA SER B 47 21.15 11.73 6.06
C SER B 47 21.98 11.83 4.79
N THR B 48 23.10 12.54 4.85
CA THR B 48 23.78 12.96 3.63
C THR B 48 24.80 11.97 3.07
N PHE B 49 25.35 11.09 3.91
CA PHE B 49 26.31 10.14 3.37
C PHE B 49 26.04 8.75 3.92
N ILE B 50 26.20 7.74 3.06
CA ILE B 50 26.01 6.36 3.45
C ILE B 50 27.26 5.55 3.15
N SER B 51 27.81 4.94 4.19
CA SER B 51 28.98 4.10 4.05
C SER B 51 28.64 2.85 3.26
N LEU B 52 29.64 2.29 2.60
CA LEU B 52 29.47 1.04 1.88
C LEU B 52 28.96 -0.03 2.83
N LYS B 53 29.44 0.00 4.07
CA LYS B 53 29.07 -0.98 5.07
C LYS B 53 27.60 -0.86 5.44
N THR B 54 27.20 0.35 5.81
CA THR B 54 25.83 0.65 6.17
C THR B 54 24.89 0.22 5.05
N HIS B 55 25.21 0.66 3.83
CA HIS B 55 24.44 0.37 2.65
C HIS B 55 24.10 -1.10 2.51
N LEU B 56 25.12 -1.95 2.63
CA LEU B 56 24.92 -3.37 2.43
C LEU B 56 24.14 -3.97 3.59
N GLN B 57 24.23 -3.32 4.74
CA GLN B 57 23.49 -3.77 5.92
C GLN B 57 22.01 -3.44 5.74
N PHE B 58 21.76 -2.28 5.15
CA PHE B 58 20.43 -1.79 4.82
C PHE B 58 19.69 -2.76 3.89
N ILE B 59 20.18 -2.88 2.65
CA ILE B 59 19.71 -3.86 1.69
C ILE B 59 19.45 -5.22 2.36
N GLU B 60 20.35 -5.61 3.26
CA GLU B 60 20.28 -6.89 3.95
C GLU B 60 19.09 -6.99 4.93
N ASP B 61 18.88 -5.93 5.70
CA ASP B 61 17.77 -5.85 6.64
C ASP B 61 16.42 -5.78 5.94
N LEU B 62 16.43 -5.38 4.66
CA LEU B 62 15.19 -5.26 3.93
C LEU B 62 14.59 -6.63 3.66
N LYS B 63 15.41 -7.67 3.72
CA LYS B 63 14.92 -9.02 3.45
C LYS B 63 13.91 -9.44 4.52
N ASN B 64 13.96 -8.80 5.67
CA ASN B 64 13.01 -9.09 6.74
C ASN B 64 12.10 -7.90 7.06
N SER B 65 12.01 -6.94 6.16
CA SER B 65 11.12 -5.79 6.32
C SER B 65 10.12 -5.66 5.17
N PRO B 66 9.04 -6.44 5.22
CA PRO B 66 8.04 -6.42 4.14
C PRO B 66 7.29 -5.07 4.02
N ASN B 67 7.29 -4.27 5.08
CA ASN B 67 6.63 -2.97 5.05
C ASN B 67 7.49 -1.86 4.48
N HIS B 68 8.69 -2.21 4.06
CA HIS B 68 9.57 -1.25 3.40
C HIS B 68 10.07 -1.86 2.10
N ARG B 69 9.66 -1.27 0.99
CA ARG B 69 10.05 -1.80 -0.32
C ARG B 69 10.85 -0.76 -1.09
N TYR B 70 12.07 -1.13 -1.47
CA TYR B 70 12.94 -0.24 -2.25
C TYR B 70 13.16 -0.85 -3.62
N PHE B 71 13.11 -0.02 -4.65
CA PHE B 71 13.26 -0.52 -6.01
C PHE B 71 14.28 0.27 -6.81
N LEU B 72 15.07 -0.44 -7.61
CA LEU B 72 15.89 0.20 -8.64
C LEU B 72 15.18 0.05 -9.98
N PHE B 73 14.92 1.18 -10.64
CA PHE B 73 14.17 1.16 -11.90
C PHE B 73 15.07 1.17 -13.13
N LYS B 74 14.75 0.28 -14.06
CA LYS B 74 15.58 0.02 -15.21
C LYS B 74 14.71 -0.02 -16.45
N GLU B 75 15.00 0.86 -17.40
CA GLU B 75 14.23 0.90 -18.64
C GLU B 75 15.11 0.66 -19.86
N GLU B 76 15.08 -0.57 -20.35
CA GLU B 76 15.83 -0.92 -21.55
C GLU B 76 17.31 -0.60 -21.42
N GLY B 77 17.93 -1.14 -20.38
CA GLY B 77 19.35 -0.95 -20.17
C GLY B 77 19.71 0.27 -19.36
N VAL B 78 18.88 1.32 -19.41
CA VAL B 78 19.16 2.53 -18.63
C VAL B 78 18.58 2.47 -17.20
N TYR B 79 19.42 2.73 -16.21
CA TYR B 79 18.97 2.74 -14.83
C TYR B 79 18.46 4.12 -14.46
N LEU B 80 17.16 4.23 -14.21
CA LEU B 80 16.50 5.54 -14.06
C LEU B 80 16.69 6.18 -12.68
N GLY B 81 16.89 5.35 -11.66
CA GLY B 81 16.92 5.86 -10.30
C GLY B 81 16.25 4.93 -9.30
N VAL B 82 15.97 5.48 -8.13
CA VAL B 82 15.46 4.71 -7.00
C VAL B 82 14.08 5.22 -6.58
N GLY B 83 13.21 4.29 -6.21
CA GLY B 83 11.90 4.65 -5.69
C GLY B 83 11.51 3.69 -4.60
N SER B 84 10.77 4.18 -3.62
CA SER B 84 10.44 3.35 -2.47
C SER B 84 9.02 3.56 -1.96
N ILE B 85 8.50 2.51 -1.36
CA ILE B 85 7.21 2.55 -0.71
C ILE B 85 7.41 2.03 0.69
N THR B 86 7.29 2.90 1.68
CA THR B 86 7.68 2.51 3.03
C THR B 86 6.59 2.77 4.05
N LYS B 87 6.79 2.23 5.25
CA LYS B 87 5.80 2.29 6.32
C LYS B 87 4.47 1.75 5.82
N ILE B 88 4.53 0.72 4.99
CA ILE B 88 3.34 0.08 4.50
C ILE B 88 2.55 -0.52 5.66
N ASN B 89 1.26 -0.22 5.73
CA ASN B 89 0.36 -0.96 6.60
C ASN B 89 -0.77 -1.58 5.75
N PHE B 90 -0.85 -2.89 5.76
CA PHE B 90 -1.78 -3.50 4.82
C PHE B 90 -3.20 -3.56 5.32
N PHE B 91 -3.42 -3.36 6.61
CA PHE B 91 -4.77 -3.22 7.12
C PHE B 91 -5.31 -1.81 6.83
N HIS B 92 -4.51 -0.77 7.08
CA HIS B 92 -4.95 0.60 6.85
C HIS B 92 -4.68 1.07 5.40
N LYS B 93 -3.98 0.23 4.65
CA LYS B 93 -3.74 0.47 3.22
C LYS B 93 -3.11 1.83 2.90
N HIS B 94 -2.10 2.19 3.69
CA HIS B 94 -1.33 3.39 3.40
C HIS B 94 0.14 3.02 3.26
N GLY B 95 0.88 3.93 2.66
CA GLY B 95 2.33 3.80 2.51
C GLY B 95 2.89 5.20 2.30
N TYR B 96 4.22 5.32 2.38
CA TYR B 96 4.88 6.57 2.03
C TYR B 96 5.74 6.34 0.82
N LEU B 97 5.85 7.39 0.02
CA LEU B 97 6.60 7.32 -1.22
C LEU B 97 7.89 8.15 -1.12
N GLY B 98 8.95 7.70 -1.80
CA GLY B 98 10.19 8.44 -1.87
C GLY B 98 10.88 8.14 -3.19
N ILE B 99 11.52 9.15 -3.76
CA ILE B 99 12.21 9.01 -5.05
C ILE B 99 13.52 9.79 -5.14
N TYR B 100 14.54 9.22 -5.77
CA TYR B 100 15.64 10.03 -6.28
C TYR B 100 16.09 9.41 -7.61
N LYS B 101 16.21 10.26 -8.61
CA LYS B 101 16.60 9.78 -9.93
C LYS B 101 18.10 9.63 -10.06
N ASN B 102 18.51 8.86 -11.04
CA ASN B 102 19.89 8.85 -11.51
C ASN B 102 20.36 10.28 -11.69
N PRO B 103 21.32 10.73 -10.87
CA PRO B 103 21.78 12.12 -10.84
C PRO B 103 22.40 12.56 -12.17
N PHE B 104 22.77 11.61 -13.01
CA PHE B 104 23.41 11.89 -14.29
C PHE B 104 22.44 11.99 -15.47
N LEU B 105 21.15 12.13 -15.19
CA LEU B 105 20.14 12.26 -16.25
C LEU B 105 19.33 13.53 -16.03
N LYS B 106 18.84 14.13 -17.10
CA LYS B 106 18.16 15.42 -16.96
C LYS B 106 16.71 15.26 -16.54
N ASN B 107 16.22 14.02 -16.63
CA ASN B 107 14.89 13.69 -16.15
C ASN B 107 14.86 12.24 -15.69
N GLY B 108 13.67 11.66 -15.65
CA GLY B 108 13.53 10.26 -15.28
C GLY B 108 12.73 10.11 -14.01
N GLY B 109 12.58 11.22 -13.27
CA GLY B 109 11.77 11.23 -12.07
C GLY B 109 10.35 10.81 -12.37
N GLU B 110 9.80 11.38 -13.43
CA GLU B 110 8.42 11.15 -13.82
C GLU B 110 8.13 9.69 -14.10
N THR B 111 9.04 9.04 -14.82
CA THR B 111 8.88 7.63 -15.15
C THR B 111 8.92 6.78 -13.90
N ILE B 112 9.85 7.09 -13.01
CA ILE B 112 9.94 6.37 -11.74
C ILE B 112 8.66 6.51 -10.94
N LEU B 113 8.16 7.74 -10.81
CA LEU B 113 6.94 7.98 -10.06
C LEU B 113 5.73 7.21 -10.62
N LYS B 114 5.64 7.12 -11.94
CA LYS B 114 4.51 6.43 -12.56
C LYS B 114 4.56 4.93 -12.28
N ALA B 115 5.76 4.34 -12.39
CA ALA B 115 5.94 2.92 -12.12
C ALA B 115 5.64 2.64 -10.66
N LEU B 116 6.14 3.51 -9.81
CA LEU B 116 6.00 3.38 -8.37
C LEU B 116 4.52 3.47 -7.95
N GLU B 117 3.79 4.40 -8.55
CA GLU B 117 2.41 4.58 -8.21
C GLU B 117 1.62 3.37 -8.70
N PHE B 118 2.03 2.82 -9.83
CA PHE B 118 1.36 1.64 -10.35
C PHE B 118 1.52 0.49 -9.36
N ILE B 119 2.72 0.36 -8.80
CA ILE B 119 2.99 -0.71 -7.85
C ILE B 119 2.15 -0.52 -6.58
N ALA B 120 2.18 0.69 -6.03
CA ALA B 120 1.45 1.04 -4.82
C ALA B 120 -0.06 0.81 -4.93
N PHE B 121 -0.67 1.45 -5.93
CA PHE B 121 -2.12 1.48 -6.07
C PHE B 121 -2.69 0.24 -6.80
N GLU B 122 -1.93 -0.36 -7.71
CA GLU B 122 -2.47 -1.47 -8.50
C GLU B 122 -1.98 -2.84 -8.02
N GLU B 123 -0.69 -2.99 -7.70
CA GLU B 123 -0.18 -4.27 -7.19
C GLU B 123 -0.38 -4.43 -5.67
N PHE B 124 -0.02 -3.41 -4.89
CA PHE B 124 -0.21 -3.49 -3.44
C PHE B 124 -1.65 -3.14 -3.07
N GLN B 125 -2.38 -2.54 -4.01
CA GLN B 125 -3.76 -2.17 -3.77
C GLN B 125 -3.91 -1.25 -2.55
N LEU B 126 -3.03 -0.27 -2.41
CA LEU B 126 -3.16 0.70 -1.32
C LEU B 126 -4.26 1.72 -1.60
N HIS B 127 -4.80 2.30 -0.54
CA HIS B 127 -5.79 3.36 -0.64
C HIS B 127 -5.11 4.74 -0.74
N SER B 128 -4.04 4.95 0.04
CA SER B 128 -3.37 6.26 0.02
C SER B 128 -1.85 6.17 0.11
N LEU B 129 -1.20 7.11 -0.58
CA LEU B 129 0.24 7.31 -0.53
C LEU B 129 0.53 8.69 0.02
N HIS B 130 1.54 8.78 0.86
CA HIS B 130 1.92 10.07 1.44
C HIS B 130 3.39 10.39 1.25
N LEU B 131 3.70 11.69 1.27
CA LEU B 131 5.03 12.21 1.02
C LEU B 131 5.46 13.18 2.11
N GLU B 132 6.73 13.13 2.47
CA GLU B 132 7.37 14.15 3.28
C GLU B 132 8.37 14.88 2.40
N VAL B 133 8.21 16.19 2.27
CA VAL B 133 9.10 17.01 1.43
C VAL B 133 9.57 18.21 2.24
N MET B 134 10.89 18.40 2.33
CA MET B 134 11.44 19.60 2.99
C MET B 134 10.91 20.84 2.29
N GLU B 135 10.41 21.82 3.06
CA GLU B 135 9.75 22.98 2.46
C GLU B 135 10.65 23.78 1.53
N ASN B 136 11.96 23.60 1.66
CA ASN B 136 12.90 24.32 0.82
C ASN B 136 13.32 23.52 -0.41
N ASN B 137 12.72 22.36 -0.61
CA ASN B 137 13.05 21.52 -1.76
C ASN B 137 12.10 21.86 -2.91
N PHE B 138 12.25 23.07 -3.42
CA PHE B 138 11.29 23.62 -4.37
C PHE B 138 11.13 22.76 -5.63
N LYS B 139 12.19 22.09 -6.04
CA LYS B 139 12.14 21.27 -7.25
C LYS B 139 11.23 20.05 -7.02
N ALA B 140 11.42 19.35 -5.89
CA ALA B 140 10.58 18.22 -5.55
C ALA B 140 9.14 18.67 -5.35
N ILE B 141 8.98 19.79 -4.69
CA ILE B 141 7.66 20.38 -4.50
C ILE B 141 6.94 20.61 -5.83
N ALA B 142 7.65 21.21 -6.79
CA ALA B 142 7.05 21.49 -8.09
C ALA B 142 6.66 20.19 -8.77
N PHE B 143 7.57 19.24 -8.67
CA PHE B 143 7.42 17.96 -9.33
C PHE B 143 6.18 17.20 -8.83
N TYR B 144 5.95 17.20 -7.52
CA TYR B 144 4.86 16.40 -6.95
C TYR B 144 3.51 17.08 -7.11
N GLU B 145 3.53 18.40 -7.08
CA GLU B 145 2.31 19.16 -7.29
C GLU B 145 1.88 19.03 -8.75
N LYS B 146 2.85 19.05 -9.63
CA LYS B 146 2.60 18.82 -11.05
C LYS B 146 1.91 17.47 -11.23
N ASN B 147 2.24 16.50 -10.38
CA ASN B 147 1.67 15.16 -10.43
C ASN B 147 0.44 14.97 -9.54
N HIS B 148 -0.22 16.07 -9.22
CA HIS B 148 -1.50 16.06 -8.52
C HIS B 148 -1.44 15.52 -7.11
N TYR B 149 -0.29 15.68 -6.45
CA TYR B 149 -0.25 15.41 -5.02
C TYR B 149 -0.84 16.62 -4.30
N GLU B 150 -1.64 16.35 -3.27
CA GLU B 150 -2.32 17.41 -2.57
C GLU B 150 -1.68 17.67 -1.20
N LEU B 151 -1.51 18.94 -0.86
CA LEU B 151 -0.91 19.31 0.42
C LEU B 151 -1.89 19.02 1.54
N GLU B 152 -1.47 18.26 2.55
CA GLU B 152 -2.37 17.86 3.62
C GLU B 152 -1.89 18.33 5.00
N GLY B 153 -0.65 18.77 5.09
CA GLY B 153 -0.17 19.29 6.35
C GLY B 153 1.29 19.67 6.38
N ARG B 154 1.75 20.02 7.57
CA ARG B 154 3.15 20.32 7.80
C ARG B 154 3.62 19.62 9.08
N LEU B 155 4.89 19.25 9.08
CA LEU B 155 5.55 18.93 10.32
C LEU B 155 6.36 20.20 10.67
N LYS B 156 5.80 21.02 11.55
CA LYS B 156 6.38 22.33 11.86
C LYS B 156 7.75 22.20 12.51
N GLY B 157 8.76 22.78 11.88
CA GLY B 157 10.03 22.99 12.54
C GLY B 157 10.76 21.69 12.74
N PHE B 158 10.33 20.73 11.92
CA PHE B 158 10.77 19.35 11.98
C PHE B 158 12.22 19.20 11.56
N ILE B 159 12.69 20.09 10.69
CA ILE B 159 14.04 19.97 10.16
C ILE B 159 14.95 21.11 10.60
N SER B 160 16.22 20.77 10.85
CA SER B 160 17.21 21.80 11.15
C SER B 160 18.05 22.05 9.90
N LYS B 161 18.08 23.31 9.49
CA LYS B 161 18.84 23.76 8.31
C LYS B 161 19.63 24.98 8.74
N ASP B 162 20.95 24.87 8.63
CA ASP B 162 21.85 25.82 9.29
C ASP B 162 21.46 25.86 10.76
N LYS B 163 21.40 27.04 11.36
CA LYS B 163 21.03 27.13 12.76
C LYS B 163 19.54 27.38 12.86
N GLU B 164 18.77 26.83 11.93
CA GLU B 164 17.33 27.10 11.92
C GLU B 164 16.41 25.88 11.69
N PHE B 165 15.23 25.95 12.29
CA PHE B 165 14.24 24.90 12.16
C PHE B 165 13.21 25.25 11.08
N ILE B 166 13.11 24.37 10.09
CA ILE B 166 12.17 24.52 8.99
C ILE B 166 11.20 23.34 8.88
N ASP B 167 10.19 23.54 8.03
CA ASP B 167 9.06 22.65 7.95
C ASP B 167 9.21 21.53 6.96
N VAL B 168 8.55 20.42 7.28
CA VAL B 168 8.32 19.35 6.34
C VAL B 168 6.91 19.50 5.78
N LEU B 169 6.80 19.43 4.46
CA LEU B 169 5.51 19.48 3.79
C LEU B 169 4.97 18.05 3.64
N LEU B 170 3.71 17.88 4.00
CA LEU B 170 3.03 16.58 3.81
C LEU B 170 2.04 16.67 2.64
N TYR B 171 2.18 15.72 1.71
CA TYR B 171 1.32 15.58 0.54
C TYR B 171 0.68 14.18 0.47
N TYR B 172 -0.47 14.05 -0.18
CA TYR B 172 -0.98 12.71 -0.45
C TYR B 172 -1.69 12.59 -1.79
N LYS B 173 -1.93 11.33 -2.16
CA LYS B 173 -2.75 10.95 -3.28
C LYS B 173 -3.48 9.65 -2.89
N ASP B 174 -4.76 9.51 -3.23
CA ASP B 174 -5.44 8.26 -2.93
C ASP B 174 -5.83 7.54 -4.22
N LYS B 175 -6.35 6.32 -4.07
CA LYS B 175 -6.68 5.44 -5.21
C LYS B 175 -7.63 6.16 -6.20
N LYS B 176 -8.57 6.89 -5.63
CA LYS B 176 -9.49 7.73 -6.36
C LYS B 176 -8.72 8.68 -7.27
N GLY B 177 -7.76 9.41 -6.71
CA GLY B 177 -6.97 10.37 -7.45
C GLY B 177 -6.15 9.70 -8.54
N TYR B 178 -5.59 8.54 -8.21
CA TYR B 178 -4.82 7.77 -9.18
C TYR B 178 -5.72 7.28 -10.33
N ASN B 179 -6.90 6.75 -10.01
CA ASN B 179 -7.84 6.32 -11.05
C ASN B 179 -8.21 7.51 -11.95
N ASP B 180 -8.40 8.67 -11.32
CA ASP B 180 -8.71 9.89 -12.06
C ASP B 180 -7.69 10.19 -13.15
N GLN B 181 -6.40 10.02 -12.83
CA GLN B 181 -5.33 10.24 -13.80
C GLN B 181 -5.45 9.30 -14.98
N SER B 182 -5.81 8.04 -14.74
CA SER B 182 -6.06 7.13 -15.86
C SER B 182 -7.14 7.69 -16.77
N LEU B 183 -8.22 8.21 -16.21
CA LEU B 183 -9.27 8.76 -17.05
C LEU B 183 -8.81 10.02 -17.79
N LEU B 184 -8.08 10.91 -17.12
CA LEU B 184 -7.71 12.17 -17.75
C LEU B 184 -6.69 12.00 -18.88
N LYS B 185 -5.94 10.89 -18.90
CA LYS B 185 -5.05 10.62 -20.03
C LYS B 185 -5.83 10.03 -21.21
N LEU B 186 -7.16 9.91 -21.05
CA LEU B 186 -8.14 9.33 -21.99
C LEU B 186 -8.64 7.95 -21.50
N LYS C 8 20.13 1.27 28.67
CA LYS C 8 19.09 2.30 28.65
C LYS C 8 18.85 2.85 30.06
N LYS C 9 18.27 4.04 30.16
CA LYS C 9 18.23 4.74 31.44
C LYS C 9 16.83 5.13 31.85
N ASN C 10 16.58 5.13 33.16
CA ASN C 10 15.31 5.55 33.71
C ASN C 10 15.34 7.05 34.02
N TYR C 11 14.19 7.63 34.34
CA TYR C 11 14.09 9.06 34.63
C TYR C 11 13.13 9.31 35.76
N SER C 12 13.29 10.43 36.45
CA SER C 12 12.36 10.83 37.48
C SER C 12 11.89 12.25 37.22
N TYR C 13 10.74 12.58 37.76
CA TYR C 13 10.20 13.91 37.68
C TYR C 13 9.24 14.02 38.85
N LYS C 14 9.63 14.77 39.87
CA LYS C 14 8.94 14.74 41.16
C LYS C 14 8.93 13.29 41.72
N ASN C 15 7.81 12.78 42.22
CA ASN C 15 7.82 11.36 42.61
C ASN C 15 7.10 10.51 41.55
N ILE C 16 7.46 10.79 40.29
CA ILE C 16 7.02 9.98 39.17
C ILE C 16 8.23 9.29 38.58
N GLN C 17 8.10 7.99 38.37
CA GLN C 17 9.21 7.21 37.88
C GLN C 17 8.90 6.76 36.46
N ALA C 18 9.87 6.93 35.56
CA ALA C 18 9.72 6.53 34.18
C ALA C 18 10.69 5.42 33.85
N ILE C 19 10.24 4.18 33.99
CA ILE C 19 11.10 3.03 33.81
C ILE C 19 11.17 2.65 32.35
N ASP C 20 12.37 2.63 31.80
CA ASP C 20 12.53 2.25 30.41
C ASP C 20 12.04 0.81 30.21
N PHE C 21 11.37 0.55 29.09
CA PHE C 21 10.81 -0.78 28.81
C PHE C 21 11.87 -1.85 28.99
N THR C 22 13.08 -1.56 28.50
CA THR C 22 14.19 -2.51 28.57
C THR C 22 14.74 -2.72 29.99
N ASN C 23 14.22 -1.98 30.96
CA ASN C 23 14.52 -2.29 32.37
C ASN C 23 13.35 -2.88 33.15
N LEU C 24 12.27 -3.25 32.46
CA LEU C 24 11.14 -3.87 33.17
C LEU C 24 11.48 -5.29 33.60
N ASN C 25 11.00 -5.72 34.77
CA ASN C 25 11.01 -7.15 35.10
C ASN C 25 9.88 -7.86 34.32
N ASP C 26 9.87 -9.19 34.35
CA ASP C 26 8.94 -9.95 33.51
C ASP C 26 7.48 -9.64 33.83
N GLY C 27 7.16 -9.52 35.10
CA GLY C 27 5.82 -9.16 35.51
C GLY C 27 5.42 -7.82 34.93
N GLU C 28 6.40 -6.92 34.79
CA GLU C 28 6.14 -5.59 34.30
C GLU C 28 6.00 -5.57 32.78
N LYS C 29 6.82 -6.36 32.10
CA LYS C 29 6.71 -6.50 30.65
C LYS C 29 5.30 -6.95 30.27
N LEU C 30 4.74 -7.81 31.10
CA LEU C 30 3.42 -8.38 30.84
C LEU C 30 2.34 -7.40 31.24
N LEU C 31 2.58 -6.66 32.31
CA LEU C 31 1.62 -5.68 32.78
C LEU C 31 1.41 -4.64 31.68
N VAL C 32 2.50 -4.26 31.03
CA VAL C 32 2.44 -3.29 29.96
C VAL C 32 1.60 -3.81 28.78
N LEU C 33 1.87 -5.05 28.39
CA LEU C 33 1.10 -5.65 27.30
C LEU C 33 -0.39 -5.68 27.65
N GLU C 34 -0.71 -5.95 28.91
CA GLU C 34 -2.12 -6.00 29.30
C GLU C 34 -2.77 -4.62 29.22
N PHE C 35 -2.04 -3.57 29.61
CA PHE C 35 -2.51 -2.20 29.41
C PHE C 35 -2.77 -1.92 27.93
N ARG C 36 -1.82 -2.35 27.10
CA ARG C 36 -1.84 -2.00 25.70
C ARG C 36 -2.93 -2.78 24.92
N ASN C 37 -3.19 -4.04 25.28
CA ASN C 37 -4.22 -4.84 24.61
C ASN C 37 -5.62 -4.67 25.15
N HIS C 38 -5.75 -4.00 26.29
CA HIS C 38 -7.06 -3.71 26.83
C HIS C 38 -7.85 -2.92 25.79
N PRO C 39 -9.16 -3.20 25.67
CA PRO C 39 -9.95 -2.56 24.62
C PRO C 39 -9.95 -1.03 24.74
N ASN C 40 -9.95 -0.52 25.98
CA ASN C 40 -9.92 0.93 26.21
C ASN C 40 -8.65 1.59 25.65
N THR C 41 -7.62 0.78 25.44
CA THR C 41 -6.40 1.28 24.79
C THR C 41 -6.40 0.90 23.31
N ALA C 42 -6.65 -0.39 23.04
CA ALA C 42 -6.44 -0.96 21.72
C ALA C 42 -7.30 -0.29 20.65
N LEU C 43 -8.50 0.11 21.03
CA LEU C 43 -9.41 0.84 20.14
C LEU C 43 -8.75 2.04 19.47
N TRP C 44 -7.77 2.64 20.14
CA TRP C 44 -7.15 3.86 19.64
C TRP C 44 -5.73 3.67 19.12
N MET C 45 -5.29 2.43 19.02
CA MET C 45 -3.97 2.13 18.48
C MET C 45 -4.07 1.69 17.02
N TYR C 46 -2.97 1.82 16.27
CA TYR C 46 -2.96 1.42 14.87
C TYR C 46 -3.17 -0.08 14.69
N SER C 47 -2.79 -0.87 15.68
CA SER C 47 -3.09 -2.30 15.65
C SER C 47 -3.79 -2.72 16.93
N THR C 48 -4.73 -3.65 16.81
CA THR C 48 -5.63 -3.98 17.89
C THR C 48 -5.01 -4.89 18.92
N PHE C 49 -4.23 -5.87 18.48
CA PHE C 49 -3.73 -6.89 19.39
C PHE C 49 -2.26 -7.19 19.15
N ILE C 50 -1.50 -7.33 20.23
CA ILE C 50 -0.10 -7.72 20.15
C ILE C 50 0.10 -8.95 21.03
N SER C 51 0.68 -10.01 20.46
CA SER C 51 0.92 -11.24 21.20
C SER C 51 2.10 -11.08 22.16
N LEU C 52 2.15 -11.90 23.19
CA LEU C 52 3.22 -11.83 24.17
C LEU C 52 4.57 -12.05 23.53
N LYS C 53 4.61 -12.95 22.55
CA LYS C 53 5.84 -13.26 21.83
C LYS C 53 6.36 -12.08 21.02
N THR C 54 5.49 -11.45 20.24
CA THR C 54 5.85 -10.24 19.52
C THR C 54 6.34 -9.14 20.46
N HIS C 55 5.64 -9.02 21.59
CA HIS C 55 5.87 -7.97 22.55
C HIS C 55 7.25 -8.11 23.18
N LEU C 56 7.61 -9.34 23.53
CA LEU C 56 8.87 -9.56 24.22
C LEU C 56 10.01 -9.33 23.24
N GLN C 57 9.78 -9.67 21.98
CA GLN C 57 10.75 -9.44 20.92
C GLN C 57 10.91 -7.94 20.68
N PHE C 58 9.78 -7.24 20.65
CA PHE C 58 9.79 -5.80 20.55
C PHE C 58 10.69 -5.17 21.61
N ILE C 59 10.53 -5.61 22.85
CA ILE C 59 11.29 -5.02 23.93
C ILE C 59 12.77 -5.37 23.81
N GLU C 60 13.07 -6.58 23.34
CA GLU C 60 14.45 -6.94 23.07
C GLU C 60 15.08 -6.00 22.05
N ASP C 61 14.38 -5.80 20.93
CA ASP C 61 14.87 -4.94 19.86
C ASP C 61 15.06 -3.48 20.31
N LEU C 62 14.34 -3.06 21.35
CA LEU C 62 14.44 -1.67 21.82
C LEU C 62 15.83 -1.36 22.38
N LYS C 63 16.56 -2.41 22.72
CA LYS C 63 17.88 -2.24 23.32
C LYS C 63 18.87 -1.69 22.28
N ASN C 64 18.61 -2.01 21.02
CA ASN C 64 19.42 -1.53 19.91
C ASN C 64 18.75 -0.41 19.14
N SER C 65 17.86 0.33 19.80
CA SER C 65 17.10 1.35 19.11
C SER C 65 16.91 2.57 19.98
N PRO C 66 17.98 3.36 20.13
CA PRO C 66 17.98 4.58 20.96
C PRO C 66 17.00 5.64 20.43
N ASN C 67 16.67 5.59 19.15
CA ASN C 67 15.71 6.52 18.57
C ASN C 67 14.27 6.30 19.06
N HIS C 68 14.00 5.18 19.74
CA HIS C 68 12.67 4.87 20.23
C HIS C 68 12.70 4.54 21.71
N ARG C 69 11.96 5.28 22.52
CA ARG C 69 12.02 5.08 23.97
C ARG C 69 10.63 4.90 24.55
N TYR C 70 10.41 3.76 25.18
CA TYR C 70 9.15 3.46 25.83
C TYR C 70 9.34 3.42 27.33
N PHE C 71 8.40 4.02 28.06
CA PHE C 71 8.47 4.00 29.52
C PHE C 71 7.20 3.50 30.17
N LEU C 72 7.38 2.73 31.25
CA LEU C 72 6.31 2.46 32.18
C LEU C 72 6.37 3.52 33.30
N PHE C 73 5.23 4.12 33.61
CA PHE C 73 5.19 5.20 34.56
C PHE C 73 4.56 4.79 35.87
N LYS C 74 5.32 4.94 36.96
CA LYS C 74 4.86 4.63 38.32
C LYS C 74 4.94 5.85 39.23
N GLU C 75 3.95 5.97 40.10
CA GLU C 75 3.96 6.98 41.14
C GLU C 75 3.42 6.38 42.42
N GLU C 76 4.30 6.13 43.38
CA GLU C 76 3.86 5.69 44.70
C GLU C 76 3.21 4.32 44.65
N GLY C 77 3.85 3.40 43.95
CA GLY C 77 3.33 2.05 43.82
C GLY C 77 2.27 1.89 42.73
N VAL C 78 1.61 2.99 42.38
CA VAL C 78 0.60 3.00 41.32
C VAL C 78 1.20 3.02 39.91
N TYR C 79 0.72 2.14 39.03
CA TYR C 79 1.11 2.20 37.63
C TYR C 79 0.19 3.16 36.88
N LEU C 80 0.75 4.26 36.41
CA LEU C 80 -0.04 5.30 35.76
C LEU C 80 -0.39 4.92 34.31
N GLY C 81 0.54 4.28 33.64
CA GLY C 81 0.37 3.95 32.24
C GLY C 81 1.68 3.95 31.50
N VAL C 82 1.59 4.11 30.19
CA VAL C 82 2.77 4.06 29.32
C VAL C 82 2.92 5.35 28.54
N GLY C 83 4.15 5.78 28.34
CA GLY C 83 4.43 6.93 27.50
C GLY C 83 5.68 6.68 26.68
N SER C 84 5.74 7.26 25.49
CA SER C 84 6.89 7.02 24.65
C SER C 84 7.27 8.23 23.82
N ILE C 85 8.53 8.24 23.43
CA ILE C 85 9.09 9.26 22.58
C ILE C 85 9.85 8.53 21.51
N THR C 86 9.40 8.67 20.28
CA THR C 86 9.86 7.76 19.23
C THR C 86 10.28 8.52 17.98
N LYS C 87 10.92 7.83 17.04
CA LYS C 87 11.40 8.42 15.81
C LYS C 87 12.28 9.66 16.14
N ILE C 88 12.89 9.59 17.31
CA ILE C 88 13.79 10.62 17.77
C ILE C 88 14.93 10.79 16.77
N ASN C 89 15.11 12.00 16.28
CA ASN C 89 16.30 12.30 15.52
C ASN C 89 17.04 13.38 16.30
N PHE C 90 18.27 13.09 16.64
CA PHE C 90 18.91 13.92 17.62
C PHE C 90 19.68 15.09 16.99
N PHE C 91 19.92 15.01 15.69
CA PHE C 91 20.30 16.20 14.92
C PHE C 91 19.12 17.19 14.85
N HIS C 92 18.03 16.81 14.16
CA HIS C 92 16.93 17.73 13.90
C HIS C 92 16.09 17.97 15.14
N LYS C 93 16.46 17.28 16.22
CA LYS C 93 15.88 17.52 17.53
C LYS C 93 14.36 17.38 17.55
N HIS C 94 13.85 16.41 16.80
CA HIS C 94 12.43 16.13 16.85
C HIS C 94 12.18 14.72 17.35
N GLY C 95 10.97 14.50 17.85
CA GLY C 95 10.51 13.17 18.20
C GLY C 95 8.99 13.19 18.16
N TYR C 96 8.40 11.99 18.20
CA TYR C 96 6.95 11.83 18.33
C TYR C 96 6.61 11.35 19.73
N LEU C 97 5.49 11.81 20.24
CA LEU C 97 5.04 11.42 21.56
C LEU C 97 3.83 10.50 21.52
N GLY C 98 3.77 9.55 22.45
CA GLY C 98 2.61 8.69 22.57
C GLY C 98 2.31 8.31 24.00
N ILE C 99 1.02 8.23 24.32
CA ILE C 99 0.59 7.88 25.66
C ILE C 99 -0.62 6.97 25.70
N TYR C 100 -0.62 6.02 26.62
CA TYR C 100 -1.87 5.41 27.04
C TYR C 100 -1.79 5.11 28.54
N LYS C 101 -2.82 5.52 29.26
CA LYS C 101 -2.84 5.36 30.70
C LYS C 101 -3.23 3.94 31.10
N ASN C 102 -3.02 3.62 32.37
CA ASN C 102 -3.62 2.45 32.97
C ASN C 102 -5.11 2.42 32.64
N PRO C 103 -5.54 1.43 31.85
CA PRO C 103 -6.93 1.39 31.39
C PRO C 103 -7.94 1.22 32.53
N PHE C 104 -7.49 0.77 33.70
CA PHE C 104 -8.39 0.57 34.83
C PHE C 104 -8.48 1.82 35.72
N LEU C 105 -7.68 2.84 35.42
CA LEU C 105 -7.68 4.11 36.18
C LEU C 105 -8.46 5.21 35.46
N LYS C 106 -9.05 6.12 36.23
CA LYS C 106 -9.92 7.14 35.66
C LYS C 106 -9.12 8.29 35.05
N ASN C 107 -7.85 8.39 35.41
CA ASN C 107 -6.98 9.40 34.83
C ASN C 107 -5.51 9.05 35.07
N GLY C 108 -4.62 10.00 34.79
CA GLY C 108 -3.21 9.76 34.92
C GLY C 108 -2.43 10.26 33.72
N GLY C 109 -3.13 10.51 32.62
CA GLY C 109 -2.50 10.99 31.41
C GLY C 109 -1.76 12.30 31.61
N GLU C 110 -2.40 13.22 32.32
CA GLU C 110 -1.79 14.51 32.58
C GLU C 110 -0.43 14.33 33.23
N THR C 111 -0.40 13.50 34.27
CA THR C 111 0.83 13.22 35.00
C THR C 111 1.91 12.64 34.08
N ILE C 112 1.56 11.61 33.30
CA ILE C 112 2.50 11.00 32.36
C ILE C 112 3.02 12.01 31.35
N LEU C 113 2.11 12.77 30.77
CA LEU C 113 2.48 13.77 29.77
C LEU C 113 3.49 14.79 30.33
N LYS C 114 3.21 15.33 31.51
CA LYS C 114 4.16 16.26 32.15
C LYS C 114 5.53 15.62 32.29
N ALA C 115 5.57 14.39 32.81
CA ALA C 115 6.85 13.69 32.98
C ALA C 115 7.55 13.46 31.64
N LEU C 116 6.75 13.12 30.62
CA LEU C 116 7.25 12.86 29.27
C LEU C 116 7.79 14.15 28.65
N GLU C 117 6.99 15.20 28.72
CA GLU C 117 7.45 16.52 28.26
C GLU C 117 8.74 16.92 28.99
N PHE C 118 8.79 16.68 30.30
CA PHE C 118 10.03 16.90 31.07
C PHE C 118 11.19 16.16 30.43
N ILE C 119 10.95 14.90 30.06
CA ILE C 119 12.03 14.06 29.55
C ILE C 119 12.46 14.51 28.17
N ALA C 120 11.49 14.86 27.34
CA ALA C 120 11.80 15.21 25.96
C ALA C 120 12.48 16.59 25.91
N PHE C 121 11.92 17.54 26.63
CA PHE C 121 12.39 18.90 26.53
C PHE C 121 13.57 19.20 27.47
N GLU C 122 13.43 18.95 28.77
CA GLU C 122 14.53 19.13 29.73
C GLU C 122 15.67 18.12 29.56
N GLU C 123 15.36 16.83 29.44
CA GLU C 123 16.44 15.82 29.42
C GLU C 123 17.00 15.61 28.03
N PHE C 124 16.13 15.35 27.05
CA PHE C 124 16.59 15.09 25.68
C PHE C 124 16.91 16.40 24.97
N GLN C 125 16.37 17.50 25.51
CA GLN C 125 16.52 18.84 24.95
C GLN C 125 16.22 18.83 23.45
N LEU C 126 14.97 18.45 23.14
CA LEU C 126 14.48 18.41 21.77
C LEU C 126 13.80 19.73 21.43
N HIS C 127 13.86 20.12 20.15
CA HIS C 127 13.11 21.31 19.74
C HIS C 127 11.60 21.10 19.55
N SER C 128 11.17 19.95 19.00
CA SER C 128 9.73 19.71 18.74
C SER C 128 9.24 18.28 19.00
N LEU C 129 8.05 18.21 19.61
CA LEU C 129 7.31 16.96 19.78
C LEU C 129 6.13 16.95 18.83
N HIS C 130 5.91 15.81 18.18
CA HIS C 130 4.78 15.65 17.27
C HIS C 130 3.89 14.47 17.66
N LEU C 131 2.61 14.60 17.33
CA LEU C 131 1.55 13.68 17.72
C LEU C 131 0.73 13.25 16.51
N GLU C 132 0.44 11.95 16.44
CA GLU C 132 -0.55 11.42 15.52
C GLU C 132 -1.78 11.02 16.31
N VAL C 133 -2.92 11.65 16.01
CA VAL C 133 -4.16 11.34 16.72
C VAL C 133 -5.31 11.05 15.73
N MET C 134 -5.93 9.87 15.82
CA MET C 134 -7.10 9.56 15.00
C MET C 134 -8.16 10.65 15.16
N GLU C 135 -8.78 11.06 14.07
CA GLU C 135 -9.67 12.22 14.10
C GLU C 135 -10.94 11.95 14.91
N ASN C 136 -11.26 10.68 15.14
CA ASN C 136 -12.42 10.34 15.95
C ASN C 136 -12.06 10.06 17.43
N ASN C 137 -10.84 10.35 17.82
CA ASN C 137 -10.43 10.10 19.19
C ASN C 137 -10.64 11.34 20.04
N PHE C 138 -11.89 11.66 20.32
CA PHE C 138 -12.21 13.00 20.82
C PHE C 138 -11.62 13.26 22.19
N LYS C 139 -11.64 12.22 23.03
CA LYS C 139 -11.06 12.32 24.35
C LYS C 139 -9.58 12.67 24.26
N ALA C 140 -8.86 12.03 23.35
CA ALA C 140 -7.44 12.33 23.20
C ALA C 140 -7.24 13.71 22.61
N ILE C 141 -8.12 14.09 21.68
CA ILE C 141 -8.01 15.40 21.04
C ILE C 141 -8.22 16.51 22.06
N ALA C 142 -9.20 16.34 22.94
CA ALA C 142 -9.46 17.31 24.00
C ALA C 142 -8.24 17.41 24.92
N PHE C 143 -7.74 16.25 25.35
CA PHE C 143 -6.54 16.19 26.16
C PHE C 143 -5.37 17.00 25.60
N TYR C 144 -5.01 16.76 24.35
CA TYR C 144 -3.77 17.39 23.85
C TYR C 144 -3.93 18.86 23.47
N GLU C 145 -5.13 19.23 23.08
CA GLU C 145 -5.42 20.63 22.82
C GLU C 145 -5.32 21.37 24.14
N LYS C 146 -6.02 20.84 25.15
CA LYS C 146 -5.92 21.34 26.53
C LYS C 146 -4.48 21.59 26.99
N ASN C 147 -3.54 20.76 26.55
CA ASN C 147 -2.14 20.92 26.91
C ASN C 147 -1.35 21.72 25.88
N HIS C 148 -2.09 22.46 25.07
CA HIS C 148 -1.48 23.40 24.14
C HIS C 148 -0.69 22.74 23.01
N TYR C 149 -1.15 21.57 22.56
CA TYR C 149 -0.60 21.06 21.33
C TYR C 149 -1.35 21.73 20.19
N GLU C 150 -0.63 22.10 19.15
CA GLU C 150 -1.25 22.79 18.02
C GLU C 150 -1.44 21.91 16.77
N LEU C 151 -2.65 21.96 16.19
CA LEU C 151 -2.90 21.27 14.92
C LEU C 151 -1.98 21.79 13.81
N GLU C 152 -1.23 20.89 13.15
CA GLU C 152 -0.37 21.30 12.05
C GLU C 152 -0.67 20.54 10.74
N GLY C 153 -1.64 19.63 10.79
CA GLY C 153 -1.97 18.88 9.59
C GLY C 153 -2.78 17.62 9.77
N ARG C 154 -2.96 16.90 8.66
CA ARG C 154 -3.65 15.62 8.66
C ARG C 154 -2.92 14.65 7.76
N LEU C 155 -3.04 13.36 8.07
CA LEU C 155 -2.79 12.30 7.12
C LEU C 155 -4.17 11.87 6.61
N LYS C 156 -4.56 12.35 5.44
CA LYS C 156 -5.90 12.14 4.91
C LYS C 156 -6.16 10.67 4.62
N GLY C 157 -7.20 10.10 5.22
CA GLY C 157 -7.64 8.74 4.89
C GLY C 157 -6.61 7.68 5.25
N PHE C 158 -5.77 8.00 6.22
CA PHE C 158 -4.67 7.18 6.67
C PHE C 158 -5.13 5.91 7.38
N ILE C 159 -6.31 5.98 7.97
CA ILE C 159 -6.76 4.93 8.88
C ILE C 159 -8.07 4.29 8.44
N SER C 160 -8.14 2.96 8.56
CA SER C 160 -9.38 2.23 8.29
C SER C 160 -10.17 2.03 9.58
N LYS C 161 -11.34 2.66 9.68
CA LYS C 161 -12.22 2.48 10.83
C LYS C 161 -13.57 1.96 10.37
N ASP C 162 -13.97 0.80 10.89
CA ASP C 162 -15.12 0.08 10.37
C ASP C 162 -14.78 -0.30 8.94
N LYS C 163 -15.49 0.25 7.97
CA LYS C 163 -15.07 0.00 6.59
C LYS C 163 -14.89 1.33 5.88
N GLU C 164 -14.46 2.34 6.64
CA GLU C 164 -14.21 3.65 6.09
C GLU C 164 -12.75 4.08 6.28
N PHE C 165 -12.31 5.04 5.48
CA PHE C 165 -10.99 5.62 5.71
C PHE C 165 -11.19 6.98 6.34
N ILE C 166 -10.55 7.18 7.49
CA ILE C 166 -10.62 8.45 8.19
C ILE C 166 -9.22 9.04 8.41
N ASP C 167 -9.19 10.31 8.81
CA ASP C 167 -7.95 11.03 8.89
C ASP C 167 -7.22 10.79 10.20
N VAL C 168 -5.91 10.97 10.15
CA VAL C 168 -5.11 11.16 11.34
C VAL C 168 -4.78 12.64 11.48
N LEU C 169 -4.99 13.18 12.69
CA LEU C 169 -4.63 14.57 13.01
C LEU C 169 -3.18 14.66 13.45
N LEU C 170 -2.47 15.66 12.93
CA LEU C 170 -1.10 15.91 13.35
C LEU C 170 -1.00 17.13 14.28
N TYR C 171 -0.42 16.92 15.46
CA TYR C 171 -0.21 18.01 16.41
C TYR C 171 1.26 18.20 16.75
N TYR C 172 1.61 19.37 17.29
CA TYR C 172 2.95 19.60 17.77
C TYR C 172 3.00 20.63 18.91
N LYS C 173 4.15 20.64 19.59
CA LYS C 173 4.55 21.62 20.60
C LYS C 173 6.05 21.72 20.48
N ASP C 174 6.59 22.92 20.32
CA ASP C 174 8.05 23.07 20.32
C ASP C 174 8.56 23.58 21.69
N LYS C 175 9.87 23.69 21.84
CA LYS C 175 10.47 24.10 23.11
C LYS C 175 9.92 25.42 23.64
N LYS C 176 9.68 26.36 22.73
CA LYS C 176 9.16 27.67 23.10
C LYS C 176 7.78 27.56 23.73
N GLY C 177 6.93 26.72 23.16
CA GLY C 177 5.58 26.60 23.67
C GLY C 177 5.64 25.97 25.04
N TYR C 178 6.65 25.11 25.22
CA TYR C 178 6.85 24.41 26.48
C TYR C 178 7.40 25.38 27.53
N ASN C 179 8.44 26.11 27.16
CA ASN C 179 8.99 27.18 27.98
C ASN C 179 7.95 28.20 28.46
N ASP C 180 7.16 28.71 27.52
CA ASP C 180 6.22 29.80 27.82
C ASP C 180 4.95 29.28 28.48
N GLN C 181 5.07 28.14 29.15
CA GLN C 181 3.92 27.45 29.74
C GLN C 181 3.89 27.70 31.26
N SER C 182 2.71 27.58 31.86
CA SER C 182 2.53 27.74 33.31
C SER C 182 1.08 27.54 33.75
N1A ACO D . -10.09 -14.09 -1.00
C2A ACO D . -8.75 -13.77 -0.92
N3A ACO D . -7.83 -14.66 -1.39
C4A ACO D . -8.22 -15.84 -1.93
C5A ACO D . -9.53 -16.16 -2.03
C6A ACO D . -10.49 -15.26 -1.55
N6A ACO D . -11.93 -15.30 -1.51
N7A ACO D . -9.62 -17.38 -2.60
C8A ACO D . -8.36 -17.81 -2.87
N9A ACO D . -7.51 -16.86 -2.44
C1B ACO D . -6.12 -16.92 -2.56
C2B ACO D . -5.79 -17.78 -3.52
O2B ACO D . -4.88 -18.83 -3.00
C3B ACO D . -5.12 -16.93 -4.64
O3B ACO D . -3.79 -16.93 -4.59
P3B ACO D . -2.82 -18.08 -5.18
O7A ACO D . -2.84 -19.28 -4.25
O8A ACO D . -1.42 -17.52 -5.24
O9A ACO D . -3.25 -18.50 -6.59
C4B ACO D . -5.65 -15.48 -4.32
O4B ACO D . -5.62 -15.42 -3.02
C5B ACO D . -7.11 -15.27 -4.82
O5B ACO D . -7.09 -15.38 -6.23
P1A ACO D . -7.33 -14.07 -7.14
O1A ACO D . -8.50 -13.26 -6.64
O2A ACO D . -6.10 -13.23 -7.20
O3A ACO D . -7.63 -14.69 -8.59
P2A ACO D . -8.78 -15.76 -8.93
O4A ACO D . -8.20 -17.12 -9.09
O5A ACO D . -9.85 -15.75 -7.90
O6A ACO D . -9.42 -15.32 -10.33
CBP ACO D . -11.46 -14.21 -10.92
CCP ACO D . -10.03 -14.06 -10.38
CDP ACO D . -12.13 -12.84 -10.84
CEP ACO D . -11.41 -14.76 -12.37
CAP ACO D . -12.24 -15.22 -10.05
OAP ACO D . -12.23 -14.91 -8.68
C9P ACO D . -13.67 -15.44 -10.43
O9P ACO D . -13.93 -16.17 -11.38
N8P ACO D . -14.72 -14.81 -9.66
C7P ACO D . -16.11 -15.03 -9.95
C6P ACO D . -16.43 -14.80 -11.45
C5P ACO D . -16.09 -13.34 -11.84
O5P ACO D . -16.27 -12.40 -11.08
N4P ACO D . -15.53 -13.09 -13.15
C3P ACO D . -15.22 -11.74 -13.54
C2P ACO D . -16.42 -11.19 -14.35
S1P ACO D . -15.85 -9.67 -15.13
C ACO D . -14.73 -10.09 -16.47
O ACO D . -14.39 -11.24 -16.69
CH3 ACO D . -14.23 -8.94 -17.30
C ACT E . -23.48 -20.38 -21.39
O ACT E . -22.40 -20.96 -21.10
OXT ACT E . -24.56 -21.06 -21.51
CH3 ACT E . -23.51 -18.87 -21.58
H1 ACT E . -23.34 -18.66 -22.52
H2 ACT E . -22.82 -18.47 -21.02
H3 ACT E . -24.39 -18.53 -21.31
N1A ACO F . 16.70 22.15 -12.34
C2A ACO F . 15.44 22.67 -12.54
N3A ACO F . 14.74 22.34 -13.66
C4A ACO F . 15.29 21.49 -14.59
C5A ACO F . 16.54 20.97 -14.39
C6A ACO F . 17.26 21.32 -13.24
N6A ACO F . 18.56 20.94 -12.76
N7A ACO F . 16.83 20.18 -15.45
C8A ACO F . 15.77 20.20 -16.29
N9A ACO F . 14.82 21.01 -15.77
C1B ACO F . 13.58 21.28 -16.35
C2B ACO F . 13.44 20.81 -17.57
O2B ACO F . 12.33 21.55 -18.25
C3B ACO F . 13.03 19.33 -17.38
O3B ACO F . 12.23 18.89 -18.35
P3B ACO F . 12.58 17.52 -19.11
O7A ACO F . 11.32 16.69 -19.30
O8A ACO F . 13.58 16.73 -18.29
O9A ACO F . 13.19 17.82 -20.48
C4B ACO F . 12.30 19.32 -15.97
O4B ACO F . 12.37 20.54 -15.51
C5B ACO F . 13.03 18.36 -15.02
O5B ACO F . 12.14 17.30 -14.70
P1A ACO F . 11.40 17.28 -13.27
O1A ACO F . 12.09 18.17 -12.25
O2A ACO F . 9.97 17.72 -13.42
O3A ACO F . 11.50 15.77 -12.76
P2A ACO F . 12.82 15.06 -12.23
O4A ACO F . 13.30 14.04 -13.26
O5A ACO F . 13.94 16.06 -11.95
O6A ACO F . 12.43 14.32 -10.85
CBP ACO F . 12.92 14.51 -8.56
CCP ACO F . 12.08 15.08 -9.72
CDP ACO F . 12.66 15.33 -7.27
CEP ACO F . 12.52 13.02 -8.35
CAP ACO F . 14.39 14.58 -8.97
OAP ACO F . 14.71 15.90 -9.36
C9P ACO F . 15.34 14.15 -7.87
O9P ACO F . 15.63 12.99 -7.75
N8P ACO F . 15.91 15.16 -7.00
C7P ACO F . 16.81 14.85 -5.96
C6P ACO F . 16.21 13.84 -4.96
C5P ACO F . 14.95 14.43 -4.27
O5P ACO F . 14.88 15.60 -3.93
N4P ACO F . 13.84 13.53 -4.04
C3P ACO F . 12.64 14.03 -3.39
C2P ACO F . 12.82 13.81 -1.88
S1P ACO F . 11.22 13.93 -1.10
C ACO F . 10.22 12.57 -1.74
O ACO F . 10.66 11.84 -2.60
CH3 ACO F . 8.84 12.38 -1.17
C ACT G . -6.52 12.96 -3.97
O ACT G . -6.20 13.99 -3.31
OXT ACT G . -7.72 12.55 -4.03
CH3 ACT G . -5.45 12.20 -4.70
H1 ACT G . -5.07 11.53 -4.11
H2 ACT G . -4.75 12.83 -4.97
H3 ACT G . -5.83 11.78 -5.49
N1A ACO H . -14.00 9.47 31.10
C2A ACO H . -12.80 9.50 31.74
N3A ACO H . -12.47 10.56 32.56
C4A ACO H . -13.35 11.60 32.71
C5A ACO H . -14.55 11.57 32.07
C6A ACO H . -14.87 10.50 31.25
N6A ACO H . -16.03 10.19 30.45
N7A ACO H . -15.22 12.70 32.40
C8A ACO H . -14.44 13.43 33.24
N9A ACO H . -13.30 12.76 33.44
C1B ACO H . -12.26 13.23 34.27
C2B ACO H . -11.68 12.28 34.97
O2B ACO H . -12.46 11.97 36.20
C3B ACO H . -10.33 12.93 35.34
O3B ACO H . -10.45 13.77 36.38
P3B ACO H . -9.21 14.69 36.77
O7A ACO H . -9.22 15.96 35.94
O8A ACO H . -7.91 13.96 36.51
O9A ACO H . -9.28 15.05 38.25
C4B ACO H . -9.95 13.75 34.05
O4B ACO H . -11.04 13.85 33.34
C5B ACO H . -8.85 13.01 33.26
O5B ACO H . -9.26 12.85 31.90
P1A ACO H . -8.28 13.37 30.73
O1A ACO H . -8.93 13.07 29.40
O2A ACO H . -8.03 14.85 30.85
O3A ACO H . -6.88 12.63 30.89
P2A ACO H . -6.63 11.06 30.79
O4A ACO H . -7.90 10.33 30.40
O5A ACO H . -6.16 10.53 32.13
O6A ACO H . -5.44 10.86 29.74
CBP ACO H . -5.34 9.88 27.57
CCP ACO H . -5.66 11.14 28.39
CDP ACO H . -3.84 9.54 27.69
CEP ACO H . -5.70 10.15 26.08
CAP ACO H . -6.14 8.71 28.10
OAP ACO H . -7.51 9.01 27.99
C9P ACO H . -5.88 7.44 27.32
O9P ACO H . -4.83 6.82 27.48
N8P ACO H . -6.88 6.97 26.41
C7P ACO H . -6.77 5.77 25.64
C6P ACO H . -5.41 5.64 24.93
C5P ACO H . -5.30 6.80 23.93
O5P ACO H . -6.28 7.19 23.31
N4P ACO H . -4.02 7.44 23.74
C3P ACO H . -3.90 8.51 22.79
C2P ACO H . -3.30 7.89 21.50
S1P ACO H . -2.79 9.19 20.40
C ACO H . -1.28 9.88 21.06
O ACO H . -0.66 10.70 20.43
CH3 ACO H . -0.80 9.45 22.42
C ACT I . 4.52 -2.94 22.41
O ACT I . 4.32 -2.49 23.58
OXT ACT I . 4.91 -4.14 22.25
CH3 ACT I . 4.28 -2.05 21.21
H1 ACT I . 4.02 -2.60 20.44
H2 ACT I . 5.11 -1.57 21.00
H3 ACT I . 3.58 -1.41 21.42
#